data_3I44
#
_entry.id   3I44
#
_cell.length_a   94.000
_cell.length_b   168.200
_cell.length_c   69.310
_cell.angle_alpha   90.00
_cell.angle_beta   90.00
_cell.angle_gamma   90.00
#
_symmetry.space_group_name_H-M   'C 2 2 21'
#
loop_
_entity.id
_entity.type
_entity.pdbx_description
1 polymer 'Aldehyde dehydrogenase'
2 non-polymer 'SODIUM ION'
3 non-polymer 'UNKNOWN ATOM OR ION'
4 water water
#
_entity_poly.entity_id   1
_entity_poly.type   'polypeptide(L)'
_entity_poly.pdbx_seq_one_letter_code
;MAHHHHHHMGTLEAQTQGPGSMLNKRKFYINGLWDDPSTPHDLYVIDPSTEEACAVISLGSTRDADKAINAAKKAFQTWK
TTSPHERLGFVEKILEIYEKRSSDMAKTISMEMGAPIDMALNAQTATGSSHIRNFIKAYKEFSFQEALIEGNEQAILHYD
AIGVVGLITPWNWPMNQVTLKVIPALLAGCTMVLKPSEIAPLSAMLFAEILDEAALPSGVFNLINGDGANVGSYLSAHPD
LEMISFTGSTRAGKDISKNASNTLKRVCLELGGKGANIIFADADIDALQRGVRHCFYNSGQSCNAPTRMLVEQAIYDKAI
KTAKDIAEKTQVGPGHQTGNHIGPVVSKEQYDKIQDLIQSGIDEGATLVTGGTGLPMGMERGYYVRPTVFADVKPHMRIF
REEIFGPVLSLLPFNTEDEAVTLANDTEYGLTNYIQSQDRSKCRRIAAQVRSGMVEVNGHELPGGSYFGGVKFSGRAREG
GLWGIKEFLDTKAISYW
;
_entity_poly.pdbx_strand_id   A
#
loop_
_chem_comp.id
_chem_comp.type
_chem_comp.name
_chem_comp.formula
NA non-polymer 'SODIUM ION' 'Na 1'
UNX non-polymer 'UNKNOWN ATOM OR ION' ?
#
# COMPACT_ATOMS: atom_id res chain seq x y z
N MET A 22 14.56 8.82 23.06
CA MET A 22 14.25 7.67 22.15
C MET A 22 13.15 6.79 22.75
N LEU A 23 12.13 6.45 21.95
CA LEU A 23 10.99 5.68 22.43
C LEU A 23 11.32 4.20 22.65
N ASN A 24 10.96 3.67 23.81
CA ASN A 24 11.12 2.25 24.10
C ASN A 24 9.88 1.48 23.64
N LYS A 25 10.01 0.72 22.56
CA LYS A 25 8.85 0.09 21.91
C LYS A 25 9.15 -1.37 21.58
N ARG A 26 9.70 -2.07 22.57
CA ARG A 26 10.22 -3.41 22.38
C ARG A 26 9.15 -4.48 22.50
N LYS A 27 7.96 -4.13 22.95
CA LYS A 27 6.96 -5.11 23.32
C LYS A 27 6.11 -5.48 22.08
N PHE A 28 5.47 -6.67 22.18
CA PHE A 28 4.50 -7.17 21.20
C PHE A 28 3.10 -7.17 21.82
N TYR A 29 2.05 -7.10 21.02
CA TYR A 29 0.67 -7.11 21.52
C TYR A 29 0.07 -8.49 21.20
N ILE A 30 0.02 -9.33 22.24
CA ILE A 30 -0.41 -10.71 22.08
C ILE A 30 -1.45 -11.02 23.15
N ASN A 31 -2.62 -11.51 22.71
CA ASN A 31 -3.68 -11.92 23.59
C ASN A 31 -4.11 -10.82 24.56
N GLY A 32 -4.29 -9.61 24.05
CA GLY A 32 -4.81 -8.51 24.83
C GLY A 32 -3.81 -7.76 25.71
N LEU A 33 -2.53 -8.11 25.62
CA LEU A 33 -1.50 -7.55 26.50
C LEU A 33 -0.21 -7.22 25.73
N TRP A 34 0.45 -6.15 26.15
CA TRP A 34 1.79 -5.83 25.65
C TRP A 34 2.79 -6.65 26.45
N ASP A 35 3.55 -7.52 25.78
CA ASP A 35 4.51 -8.39 26.47
C ASP A 35 5.88 -8.36 25.77
N ASP A 36 6.93 -8.72 26.54
CA ASP A 36 8.30 -8.79 26.04
C ASP A 36 8.43 -9.89 25.00
N PRO A 37 9.35 -9.74 24.03
CA PRO A 37 9.66 -10.88 23.16
C PRO A 37 10.33 -12.04 23.91
N SER A 38 10.38 -13.25 23.34
CA SER A 38 11.04 -14.38 24.00
C SER A 38 12.51 -14.06 24.29
N THR A 39 13.19 -13.48 23.30
CA THR A 39 14.59 -13.05 23.44
C THR A 39 14.80 -11.65 22.86
N PRO A 40 15.57 -10.79 23.55
CA PRO A 40 15.81 -9.48 22.95
C PRO A 40 16.46 -9.59 21.57
N HIS A 41 16.00 -8.78 20.62
CA HIS A 41 16.67 -8.61 19.32
C HIS A 41 16.31 -7.20 18.88
N ASP A 42 17.09 -6.23 19.38
CA ASP A 42 16.80 -4.80 19.27
C ASP A 42 17.00 -4.29 17.84
N LEU A 43 16.13 -3.38 17.42
CA LEU A 43 16.32 -2.69 16.15
C LEU A 43 15.88 -1.26 16.34
N TYR A 44 16.74 -0.34 15.92
CA TYR A 44 16.40 1.06 16.00
C TYR A 44 15.51 1.38 14.80
N VAL A 45 14.47 2.16 15.06
CA VAL A 45 13.69 2.78 14.02
C VAL A 45 14.32 4.14 13.72
N ILE A 46 14.72 4.37 12.46
CA ILE A 46 15.33 5.62 12.06
C ILE A 46 14.29 6.64 11.55
N ASP A 47 14.40 7.88 12.03
CA ASP A 47 13.74 9.05 11.47
C ASP A 47 14.55 9.51 10.26
N PRO A 48 14.00 9.31 9.01
CA PRO A 48 14.74 9.57 7.80
C PRO A 48 15.00 11.05 7.51
N SER A 49 14.33 11.94 8.23
CA SER A 49 14.50 13.37 8.06
C SER A 49 15.82 13.80 8.74
N THR A 50 16.26 13.04 9.75
CA THR A 50 17.47 13.32 10.52
C THR A 50 18.58 12.25 10.50
N GLU A 51 18.26 11.02 10.11
CA GLU A 51 19.18 9.86 10.22
C GLU A 51 19.38 9.36 11.66
N GLU A 52 18.59 9.85 12.60
CA GLU A 52 18.71 9.46 14.00
C GLU A 52 17.64 8.47 14.42
N ALA A 53 17.99 7.60 15.36
CA ALA A 53 17.08 6.67 15.98
C ALA A 53 15.98 7.41 16.76
N CYS A 54 14.71 7.08 16.49
CA CYS A 54 13.59 7.66 17.24
C CYS A 54 12.93 6.66 18.19
N ALA A 55 13.24 5.39 18.02
CA ALA A 55 12.66 4.37 18.88
C ALA A 55 13.45 3.11 18.74
N VAL A 56 13.25 2.22 19.70
CA VAL A 56 13.79 0.88 19.62
C VAL A 56 12.65 -0.13 19.68
N ILE A 57 12.68 -1.10 18.77
CA ILE A 57 11.72 -2.21 18.75
C ILE A 57 12.43 -3.55 18.85
N SER A 58 11.66 -4.61 19.01
CA SER A 58 12.19 -5.97 19.02
C SER A 58 11.84 -6.66 17.72
N LEU A 59 12.80 -7.38 17.12
CA LEU A 59 12.56 -8.29 16.02
C LEU A 59 12.21 -9.65 16.60
N GLY A 60 10.98 -10.09 16.37
CA GLY A 60 10.50 -11.33 16.95
C GLY A 60 11.11 -12.57 16.33
N SER A 61 10.95 -13.68 17.03
CA SER A 61 11.45 -14.99 16.57
C SER A 61 10.25 -15.85 16.22
N THR A 62 10.52 -17.07 15.78
CA THR A 62 9.46 -18.01 15.50
C THR A 62 8.62 -18.38 16.72
N ARG A 63 9.22 -18.39 17.91
CA ARG A 63 8.47 -18.60 19.17
C ARG A 63 7.45 -17.50 19.44
N ASP A 64 7.80 -16.24 19.19
CA ASP A 64 6.85 -15.13 19.37
C ASP A 64 5.70 -15.29 18.36
N ALA A 65 6.02 -15.72 17.15
CA ALA A 65 4.98 -15.98 16.16
C ALA A 65 4.04 -17.09 16.62
N ASP A 66 4.60 -18.18 17.19
CA ASP A 66 3.76 -19.30 17.63
C ASP A 66 2.81 -18.82 18.71
N LYS A 67 3.31 -18.01 19.64
CA LYS A 67 2.50 -17.44 20.72
C LYS A 67 1.31 -16.64 20.15
N ALA A 68 1.63 -15.66 19.30
CA ALA A 68 0.61 -14.85 18.61
C ALA A 68 -0.42 -15.72 17.89
N ILE A 69 0.03 -16.69 17.11
CA ILE A 69 -0.87 -17.54 16.35
C ILE A 69 -1.73 -18.39 17.32
N ASN A 70 -1.15 -18.91 18.39
CA ASN A 70 -1.90 -19.70 19.36
CA ASN A 70 -1.90 -19.72 19.34
C ASN A 70 -3.02 -18.88 19.99
N ALA A 71 -2.70 -17.63 20.34
CA ALA A 71 -3.68 -16.69 20.90
C ALA A 71 -4.83 -16.46 19.90
N ALA A 72 -4.49 -16.36 18.62
CA ALA A 72 -5.49 -16.11 17.58
C ALA A 72 -6.38 -17.32 17.33
N LYS A 73 -5.79 -18.52 17.28
CA LYS A 73 -6.54 -19.77 17.09
C LYS A 73 -7.56 -19.96 18.21
N LYS A 74 -7.13 -19.73 19.44
CA LYS A 74 -8.00 -19.85 20.60
C LYS A 74 -9.16 -18.84 20.58
N ALA A 75 -8.85 -17.57 20.27
CA ALA A 75 -9.87 -16.51 20.16
C ALA A 75 -10.90 -16.77 19.04
N PHE A 76 -10.46 -17.41 17.97
CA PHE A 76 -11.28 -17.60 16.80
C PHE A 76 -12.53 -18.43 17.14
N GLN A 77 -12.33 -19.43 17.99
CA GLN A 77 -13.42 -20.31 18.40
C GLN A 77 -14.63 -19.53 18.93
N THR A 78 -14.41 -18.42 19.63
CA THR A 78 -15.53 -17.60 20.12
C THR A 78 -15.80 -16.35 19.27
N TRP A 79 -14.76 -15.76 18.66
CA TRP A 79 -14.91 -14.56 17.80
C TRP A 79 -15.76 -14.84 16.54
N LYS A 80 -15.60 -16.03 15.96
CA LYS A 80 -16.38 -16.44 14.79
C LYS A 80 -17.89 -16.55 15.05
N THR A 81 -18.31 -16.61 16.30
CA THR A 81 -19.73 -16.67 16.65
C THR A 81 -20.34 -15.32 17.04
N THR A 82 -19.55 -14.24 17.07
CA THR A 82 -20.10 -12.90 17.30
C THR A 82 -21.00 -12.54 16.10
N SER A 83 -22.04 -11.74 16.33
CA SER A 83 -22.92 -11.37 15.25
C SER A 83 -22.25 -10.25 14.44
N PRO A 84 -22.69 -10.07 13.19
CA PRO A 84 -22.26 -8.94 12.37
C PRO A 84 -22.50 -7.59 13.04
N HIS A 85 -23.65 -7.48 13.70
CA HIS A 85 -23.97 -6.31 14.50
C HIS A 85 -22.88 -6.00 15.51
N GLU A 86 -22.44 -6.98 16.29
CA GLU A 86 -21.42 -6.71 17.31
C GLU A 86 -20.05 -6.37 16.69
N ARG A 87 -19.65 -7.09 15.64
CA ARG A 87 -18.43 -6.78 14.89
C ARG A 87 -18.43 -5.38 14.28
N LEU A 88 -19.55 -4.97 13.66
CA LEU A 88 -19.65 -3.61 13.19
C LEU A 88 -19.49 -2.60 14.34
N GLY A 89 -20.07 -2.90 15.49
CA GLY A 89 -19.95 -2.02 16.66
C GLY A 89 -18.50 -1.86 17.09
N PHE A 90 -17.71 -2.94 17.05
CA PHE A 90 -16.29 -2.79 17.32
C PHE A 90 -15.57 -1.90 16.30
N VAL A 91 -15.88 -2.07 15.04
CA VAL A 91 -15.27 -1.26 13.99
C VAL A 91 -15.65 0.23 14.09
N GLU A 92 -16.88 0.50 14.47
CA GLU A 92 -17.28 1.89 14.73
C GLU A 92 -16.51 2.48 15.90
N LYS A 93 -16.32 1.68 16.93
CA LYS A 93 -15.54 2.10 18.10
C LYS A 93 -14.06 2.35 17.73
N ILE A 94 -13.51 1.48 16.90
CA ILE A 94 -12.16 1.63 16.40
C ILE A 94 -12.04 2.97 15.65
N LEU A 95 -12.97 3.26 14.75
CA LEU A 95 -12.97 4.51 14.03
C LEU A 95 -13.00 5.73 14.97
N GLU A 96 -13.90 5.69 15.96
CA GLU A 96 -14.01 6.76 16.95
C GLU A 96 -12.67 6.99 17.66
N ILE A 97 -12.01 5.93 18.13
CA ILE A 97 -10.73 6.11 18.80
C ILE A 97 -9.63 6.52 17.79
N TYR A 98 -9.68 5.98 16.58
CA TYR A 98 -8.75 6.36 15.52
C TYR A 98 -8.79 7.85 15.25
N GLU A 99 -9.99 8.42 15.15
CA GLU A 99 -10.13 9.87 14.94
C GLU A 99 -9.59 10.64 16.15
N LYS A 100 -9.89 10.16 17.35
CA LYS A 100 -9.38 10.81 18.56
C LYS A 100 -7.85 10.85 18.56
N ARG A 101 -7.21 9.82 17.99
CA ARG A 101 -5.76 9.77 18.04
C ARG A 101 -5.08 10.17 16.73
N SER A 102 -5.84 10.83 15.85
CA SER A 102 -5.37 11.08 14.52
C SER A 102 -4.09 11.94 14.46
N SER A 103 -3.97 12.94 15.33
CA SER A 103 -2.77 13.75 15.21
C SER A 103 -1.54 13.05 15.86
N ASP A 104 -1.74 12.19 16.85
CA ASP A 104 -0.67 11.28 17.31
C ASP A 104 -0.22 10.37 16.18
N MET A 105 -1.19 9.90 15.39
CA MET A 105 -0.89 9.02 14.26
C MET A 105 -0.12 9.73 13.15
N ALA A 106 -0.57 10.94 12.79
CA ALA A 106 0.15 11.76 11.83
C ALA A 106 1.61 12.03 12.24
N LYS A 107 1.83 12.43 13.48
CA LYS A 107 3.19 12.70 13.97
C LYS A 107 4.06 11.43 13.94
N THR A 108 3.47 10.29 14.31
CA THR A 108 4.18 9.01 14.34
C THR A 108 4.60 8.62 12.92
N ILE A 109 3.66 8.70 11.98
CA ILE A 109 3.96 8.37 10.59
C ILE A 109 5.03 9.29 10.02
N SER A 110 4.85 10.61 10.20
CA SER A 110 5.83 11.60 9.75
C SER A 110 7.23 11.26 10.28
N MET A 111 7.32 11.02 11.58
CA MET A 111 8.60 10.71 12.21
C MET A 111 9.29 9.46 11.69
N GLU A 112 8.55 8.36 11.58
CA GLU A 112 9.11 7.02 11.25
C GLU A 112 9.39 6.80 9.76
N MET A 113 8.62 7.46 8.86
CA MET A 113 8.87 7.27 7.42
C MET A 113 9.03 8.53 6.60
N GLY A 114 8.91 9.70 7.23
CA GLY A 114 9.30 10.96 6.63
C GLY A 114 8.21 11.77 5.96
N ALA A 115 6.96 11.31 6.04
CA ALA A 115 5.86 12.05 5.42
C ALA A 115 5.76 13.47 5.96
N PRO A 116 5.81 14.51 5.10
CA PRO A 116 5.59 15.85 5.64
C PRO A 116 4.27 15.93 6.41
N ILE A 117 4.30 16.52 7.59
CA ILE A 117 3.24 16.46 8.57
C ILE A 117 1.84 16.84 8.08
N ASP A 118 1.71 17.83 7.19
CA ASP A 118 0.37 18.16 6.69
C ASP A 118 -0.22 16.95 5.97
N MET A 119 0.55 16.39 5.04
CA MET A 119 0.07 15.23 4.28
C MET A 119 0.09 13.96 5.13
N ALA A 120 0.90 13.93 6.20
CA ALA A 120 0.84 12.84 7.17
C ALA A 120 -0.55 12.79 7.82
N LEU A 121 -1.14 13.96 8.09
CA LEU A 121 -2.51 14.01 8.63
C LEU A 121 -3.54 13.85 7.52
N ASN A 122 -3.49 14.66 6.47
CA ASN A 122 -4.61 14.72 5.51
C ASN A 122 -4.64 13.61 4.45
N ALA A 123 -3.59 12.80 4.36
CA ALA A 123 -3.55 11.70 3.42
C ALA A 123 -3.13 10.42 4.12
N GLN A 124 -1.95 10.37 4.73
CA GLN A 124 -1.50 9.13 5.40
C GLN A 124 -2.51 8.66 6.46
N THR A 125 -2.95 9.58 7.32
CA THR A 125 -3.85 9.21 8.39
C THR A 125 -5.32 9.21 7.91
N ALA A 126 -5.74 10.22 7.20
CA ALA A 126 -7.11 10.31 6.70
C ALA A 126 -7.54 9.17 5.78
N THR A 127 -6.64 8.61 4.95
CA THR A 127 -7.03 7.46 4.11
C THR A 127 -7.45 6.26 4.98
N GLY A 128 -6.80 6.09 6.13
CA GLY A 128 -7.20 5.06 7.11
C GLY A 128 -8.65 5.19 7.50
N SER A 129 -9.03 6.42 7.89
CA SER A 129 -10.41 6.64 8.31
CA SER A 129 -10.42 6.68 8.30
C SER A 129 -11.37 6.45 7.13
N SER A 130 -10.97 6.89 5.94
CA SER A 130 -11.79 6.72 4.74
CA SER A 130 -11.82 6.72 4.76
C SER A 130 -12.02 5.24 4.40
N HIS A 131 -10.98 4.43 4.52
CA HIS A 131 -11.14 2.98 4.31
C HIS A 131 -12.07 2.36 5.36
N ILE A 132 -11.88 2.70 6.62
CA ILE A 132 -12.75 2.21 7.65
C ILE A 132 -14.22 2.51 7.31
N ARG A 133 -14.52 3.75 6.99
CA ARG A 133 -15.90 4.14 6.64
CA ARG A 133 -15.89 4.18 6.58
C ARG A 133 -16.43 3.39 5.42
N ASN A 134 -15.58 3.18 4.43
CA ASN A 134 -16.01 2.47 3.24
C ASN A 134 -16.29 0.96 3.51
N PHE A 135 -15.56 0.37 4.45
CA PHE A 135 -15.86 -1.00 4.90
C PHE A 135 -17.21 -1.03 5.66
N ILE A 136 -17.43 -0.05 6.53
CA ILE A 136 -18.71 0.08 7.22
C ILE A 136 -19.88 0.13 6.25
N LYS A 137 -19.82 1.04 5.27
CA LYS A 137 -20.86 1.12 4.25
C LYS A 137 -21.05 -0.20 3.53
N ALA A 138 -19.93 -0.81 3.07
CA ALA A 138 -20.01 -2.11 2.38
C ALA A 138 -20.64 -3.17 3.27
N TYR A 139 -20.25 -3.23 4.55
CA TYR A 139 -20.75 -4.27 5.45
C TYR A 139 -22.26 -4.21 5.60
N LYS A 140 -22.78 -2.99 5.65
CA LYS A 140 -24.22 -2.77 5.75
C LYS A 140 -24.95 -3.30 4.51
N GLU A 141 -24.34 -3.26 3.33
CA GLU A 141 -24.93 -3.90 2.15
C GLU A 141 -24.71 -5.40 2.00
N PHE A 142 -23.89 -6.00 2.85
CA PHE A 142 -23.46 -7.39 2.66
C PHE A 142 -24.30 -8.28 3.50
N SER A 143 -24.58 -9.48 3.01
CA SER A 143 -25.23 -10.50 3.83
C SER A 143 -24.41 -11.80 3.81
N PHE A 144 -24.31 -12.50 4.94
CA PHE A 144 -23.54 -13.76 5.03
C PHE A 144 -24.24 -14.97 4.37
N GLN A 145 -25.49 -14.79 3.98
CA GLN A 145 -26.21 -15.77 3.17
C GLN A 145 -26.93 -15.07 2.06
N GLU A 146 -26.95 -15.72 0.92
CA GLU A 146 -27.75 -15.25 -0.18
C GLU A 146 -28.07 -16.37 -1.12
N ALA A 147 -28.91 -16.08 -2.10
CA ALA A 147 -29.26 -17.08 -3.09
C ALA A 147 -27.98 -17.54 -3.82
N LEU A 148 -27.96 -18.82 -4.18
CA LEU A 148 -26.85 -19.40 -4.91
C LEU A 148 -27.01 -19.11 -6.39
N ILE A 149 -28.24 -19.25 -6.87
CA ILE A 149 -28.66 -18.95 -8.24
C ILE A 149 -29.92 -18.05 -8.12
N GLU A 150 -29.91 -16.90 -8.79
CA GLU A 150 -31.09 -15.98 -8.73
C GLU A 150 -32.36 -16.75 -9.06
N GLY A 151 -33.40 -16.59 -8.25
CA GLY A 151 -34.71 -17.27 -8.49
C GLY A 151 -34.86 -18.75 -8.03
N ASN A 152 -33.81 -19.29 -7.40
CA ASN A 152 -33.87 -20.63 -6.82
C ASN A 152 -33.94 -20.38 -5.32
N GLU A 153 -35.00 -20.90 -4.69
CA GLU A 153 -35.25 -20.64 -3.27
C GLU A 153 -34.92 -21.84 -2.40
N GLN A 154 -34.23 -22.82 -2.97
CA GLN A 154 -33.88 -24.03 -2.26
C GLN A 154 -32.40 -23.98 -1.80
N ALA A 155 -31.49 -23.83 -2.75
CA ALA A 155 -30.06 -23.78 -2.51
C ALA A 155 -29.67 -22.38 -2.02
N ILE A 156 -28.60 -22.31 -1.24
CA ILE A 156 -28.15 -21.08 -0.61
C ILE A 156 -26.61 -21.01 -0.66
N LEU A 157 -26.10 -19.77 -0.77
CA LEU A 157 -24.67 -19.46 -0.63
C LEU A 157 -24.41 -18.91 0.76
N HIS A 158 -23.42 -19.46 1.43
CA HIS A 158 -23.02 -19.05 2.79
CA HIS A 158 -23.06 -19.08 2.78
C HIS A 158 -21.59 -18.57 2.71
N TYR A 159 -21.28 -17.50 3.46
CA TYR A 159 -19.90 -17.03 3.58
C TYR A 159 -19.43 -17.35 4.99
N ASP A 160 -18.25 -17.95 5.09
CA ASP A 160 -17.65 -18.31 6.40
C ASP A 160 -16.27 -17.63 6.57
N ALA A 161 -15.98 -17.17 7.79
CA ALA A 161 -14.62 -16.71 8.11
C ALA A 161 -13.57 -17.73 7.58
N ILE A 162 -12.62 -17.26 6.78
CA ILE A 162 -11.59 -18.17 6.24
C ILE A 162 -10.79 -18.82 7.39
N GLY A 163 -10.64 -18.12 8.51
CA GLY A 163 -9.91 -18.64 9.67
C GLY A 163 -8.95 -17.65 10.29
N VAL A 164 -7.81 -18.16 10.76
CA VAL A 164 -6.79 -17.36 11.37
C VAL A 164 -5.88 -16.92 10.23
N VAL A 165 -5.60 -15.62 10.14
CA VAL A 165 -4.90 -15.07 9.00
C VAL A 165 -3.65 -14.31 9.38
N GLY A 166 -2.72 -14.30 8.42
CA GLY A 166 -1.48 -13.52 8.52
C GLY A 166 -1.52 -12.27 7.67
N LEU A 167 -1.16 -11.15 8.29
CA LEU A 167 -1.22 -9.83 7.66
C LEU A 167 0.16 -9.22 7.69
N ILE A 168 0.66 -8.77 6.53
CA ILE A 168 2.01 -8.21 6.44
C ILE A 168 1.96 -6.91 5.66
N THR A 169 2.42 -5.83 6.30
CA THR A 169 2.23 -4.50 5.74
C THR A 169 3.58 -3.79 5.59
N PRO A 170 3.67 -2.83 4.66
CA PRO A 170 4.92 -2.12 4.42
C PRO A 170 4.95 -0.74 5.11
N TRP A 171 5.92 0.10 4.70
CA TRP A 171 6.23 1.38 5.36
C TRP A 171 5.75 2.63 4.63
N ASN A 172 5.33 2.50 3.38
CA ASN A 172 5.10 3.67 2.54
C ASN A 172 3.75 4.36 2.72
N TRP A 173 2.70 3.60 2.99
CA TRP A 173 1.39 4.15 3.27
C TRP A 173 0.82 3.29 4.42
N PRO A 174 1.48 3.36 5.59
CA PRO A 174 1.25 2.33 6.61
C PRO A 174 -0.22 2.15 7.09
N MET A 175 -0.93 3.22 7.41
CA MET A 175 -2.30 3.11 7.90
C MET A 175 -3.27 2.80 6.78
N ASN A 176 -2.99 3.29 5.57
CA ASN A 176 -3.74 2.87 4.41
C ASN A 176 -3.74 1.32 4.35
N GLN A 177 -2.53 0.74 4.38
CA GLN A 177 -2.32 -0.68 4.18
C GLN A 177 -2.79 -1.53 5.38
N VAL A 178 -2.60 -1.04 6.61
CA VAL A 178 -3.07 -1.76 7.79
C VAL A 178 -4.61 -1.78 7.86
N THR A 179 -5.26 -0.64 7.64
CA THR A 179 -6.72 -0.60 7.70
C THR A 179 -7.37 -1.45 6.61
N LEU A 180 -6.80 -1.44 5.41
CA LEU A 180 -7.27 -2.31 4.32
C LEU A 180 -7.24 -3.81 4.66
N LYS A 181 -6.41 -4.22 5.61
CA LYS A 181 -6.33 -5.63 5.96
C LYS A 181 -7.06 -5.96 7.25
N VAL A 182 -6.87 -5.19 8.30
CA VAL A 182 -7.37 -5.59 9.62
C VAL A 182 -8.90 -5.44 9.71
N ILE A 183 -9.45 -4.36 9.15
CA ILE A 183 -10.87 -4.09 9.22
C ILE A 183 -11.71 -5.16 8.51
N PRO A 184 -11.40 -5.53 7.24
CA PRO A 184 -12.27 -6.56 6.64
C PRO A 184 -12.11 -7.94 7.32
N ALA A 185 -10.93 -8.20 7.90
CA ALA A 185 -10.68 -9.46 8.59
C ALA A 185 -11.54 -9.54 9.87
N LEU A 186 -11.59 -8.44 10.62
CA LEU A 186 -12.54 -8.30 11.72
C LEU A 186 -13.98 -8.56 11.28
N LEU A 187 -14.44 -7.84 10.27
CA LEU A 187 -15.85 -7.93 9.86
C LEU A 187 -16.23 -9.33 9.37
N ALA A 188 -15.28 -10.00 8.70
CA ALA A 188 -15.45 -11.35 8.20
C ALA A 188 -15.53 -12.41 9.34
N GLY A 189 -15.10 -12.05 10.53
CA GLY A 189 -15.07 -12.99 11.67
C GLY A 189 -13.76 -13.75 11.86
N CYS A 190 -12.70 -13.28 11.19
CA CYS A 190 -11.35 -13.86 11.33
C CYS A 190 -10.64 -13.29 12.53
N THR A 191 -9.64 -14.03 13.03
CA THR A 191 -8.63 -13.50 13.95
C THR A 191 -7.30 -13.44 13.16
N MET A 192 -6.31 -12.75 13.69
CA MET A 192 -5.16 -12.36 12.85
C MET A 192 -3.88 -12.09 13.60
N VAL A 193 -2.76 -12.28 12.91
CA VAL A 193 -1.46 -11.82 13.35
C VAL A 193 -0.93 -10.86 12.29
N LEU A 194 -0.68 -9.62 12.73
CA LEU A 194 -0.09 -8.58 11.90
C LEU A 194 1.41 -8.45 12.20
N LYS A 195 2.23 -8.48 11.16
CA LYS A 195 3.64 -8.08 11.26
C LYS A 195 3.83 -6.82 10.44
N PRO A 196 4.00 -5.66 11.10
CA PRO A 196 4.18 -4.48 10.24
C PRO A 196 5.61 -4.35 9.77
N SER A 197 5.90 -3.28 9.03
CA SER A 197 7.24 -3.07 8.51
C SER A 197 8.17 -2.68 9.66
N GLU A 198 9.34 -3.30 9.68
CA GLU A 198 10.28 -3.07 10.76
C GLU A 198 10.95 -1.69 10.63
N ILE A 199 10.91 -1.09 9.45
CA ILE A 199 11.42 0.28 9.32
C ILE A 199 10.37 1.36 9.58
N ALA A 200 9.09 1.00 9.73
CA ALA A 200 8.02 1.97 10.11
C ALA A 200 6.91 1.28 10.91
N PRO A 201 7.24 0.70 12.08
CA PRO A 201 6.30 -0.13 12.83
C PRO A 201 5.46 0.65 13.83
N LEU A 202 5.88 1.86 14.15
CA LEU A 202 5.27 2.59 15.25
C LEU A 202 3.78 2.92 14.98
N SER A 203 3.44 3.22 13.74
CA SER A 203 2.07 3.57 13.42
C SER A 203 1.16 2.38 13.70
N ALA A 204 1.60 1.18 13.32
CA ALA A 204 0.91 -0.09 13.58
C ALA A 204 0.79 -0.37 15.07
N MET A 205 1.84 -0.06 15.80
CA MET A 205 1.79 -0.26 17.27
C MET A 205 0.77 0.67 17.90
N LEU A 206 0.69 1.90 17.43
CA LEU A 206 -0.38 2.82 17.90
C LEU A 206 -1.77 2.29 17.48
N PHE A 207 -1.88 1.75 16.27
CA PHE A 207 -3.13 1.13 15.82
C PHE A 207 -3.51 0.00 16.77
N ALA A 208 -2.49 -0.76 17.20
CA ALA A 208 -2.70 -1.80 18.22
C ALA A 208 -3.30 -1.19 19.48
N GLU A 209 -2.75 -0.08 19.95
CA GLU A 209 -3.31 0.60 21.12
C GLU A 209 -4.75 1.06 20.89
N ILE A 210 -5.05 1.53 19.68
CA ILE A 210 -6.43 1.90 19.33
C ILE A 210 -7.36 0.70 19.53
N LEU A 211 -6.96 -0.48 19.06
CA LEU A 211 -7.79 -1.68 19.10
C LEU A 211 -7.95 -2.17 20.54
N ASP A 212 -6.90 -2.00 21.31
CA ASP A 212 -6.93 -2.39 22.70
C ASP A 212 -7.90 -1.49 23.49
N GLU A 213 -7.85 -0.18 23.23
CA GLU A 213 -8.77 0.78 23.85
C GLU A 213 -10.22 0.54 23.42
N ALA A 214 -10.39 0.02 22.20
CA ALA A 214 -11.72 -0.40 21.69
C ALA A 214 -12.24 -1.67 22.36
N ALA A 215 -11.43 -2.28 23.23
CA ALA A 215 -11.80 -3.49 23.96
C ALA A 215 -12.12 -4.68 23.05
N LEU A 216 -11.44 -4.75 21.92
CA LEU A 216 -11.51 -5.92 21.06
C LEU A 216 -11.07 -7.13 21.89
N PRO A 217 -11.83 -8.25 21.84
CA PRO A 217 -11.53 -9.41 22.68
C PRO A 217 -10.11 -9.94 22.51
N SER A 218 -9.56 -10.41 23.62
CA SER A 218 -8.20 -10.92 23.65
C SER A 218 -7.90 -11.97 22.57
N GLY A 219 -6.85 -11.75 21.81
CA GLY A 219 -6.39 -12.72 20.82
C GLY A 219 -6.96 -12.52 19.42
N VAL A 220 -7.98 -11.67 19.29
CA VAL A 220 -8.57 -11.40 17.97
C VAL A 220 -7.54 -10.71 17.07
N PHE A 221 -6.85 -9.72 17.62
CA PHE A 221 -5.83 -9.03 16.91
C PHE A 221 -4.50 -9.12 17.67
N ASN A 222 -3.44 -9.50 16.96
CA ASN A 222 -2.11 -9.64 17.57
C ASN A 222 -1.06 -9.00 16.68
N LEU A 223 -0.08 -8.33 17.31
CA LEU A 223 0.97 -7.64 16.59
C LEU A 223 2.33 -8.12 17.10
N ILE A 224 3.14 -8.63 16.19
CA ILE A 224 4.55 -8.93 16.46
C ILE A 224 5.39 -8.21 15.42
N ASN A 225 6.50 -7.62 15.85
CA ASN A 225 7.46 -7.02 14.90
C ASN A 225 8.44 -8.08 14.46
N GLY A 226 9.09 -7.82 13.31
CA GLY A 226 10.02 -8.78 12.79
C GLY A 226 10.34 -8.44 11.37
N ASP A 227 11.22 -9.24 10.75
CA ASP A 227 11.63 -8.97 9.37
C ASP A 227 10.98 -9.95 8.42
N GLY A 228 11.23 -9.77 7.12
CA GLY A 228 10.64 -10.65 6.11
C GLY A 228 11.23 -12.04 6.13
N ALA A 229 12.56 -12.08 6.20
CA ALA A 229 13.28 -13.34 6.00
C ALA A 229 13.00 -14.34 7.11
N ASN A 230 12.76 -13.85 8.31
CA ASN A 230 12.44 -14.74 9.41
C ASN A 230 10.93 -14.77 9.68
N VAL A 231 10.37 -13.75 10.33
CA VAL A 231 8.96 -13.82 10.76
C VAL A 231 7.97 -13.82 9.60
N GLY A 232 8.19 -13.00 8.59
CA GLY A 232 7.27 -12.94 7.43
C GLY A 232 7.15 -14.26 6.71
N SER A 233 8.31 -14.86 6.41
CA SER A 233 8.37 -16.18 5.79
C SER A 233 7.77 -17.27 6.68
N TYR A 234 8.05 -17.19 7.99
CA TYR A 234 7.53 -18.17 8.93
C TYR A 234 5.97 -18.13 9.03
N LEU A 235 5.39 -16.93 9.08
CA LEU A 235 3.92 -16.80 8.96
C LEU A 235 3.38 -17.40 7.65
N SER A 236 4.02 -17.08 6.53
CA SER A 236 3.51 -17.56 5.25
C SER A 236 3.55 -19.08 5.12
N ALA A 237 4.40 -19.73 5.90
CA ALA A 237 4.51 -21.19 5.86
C ALA A 237 3.80 -21.88 7.04
N HIS A 238 3.23 -21.13 7.97
CA HIS A 238 2.72 -21.72 9.20
C HIS A 238 1.43 -22.52 8.94
N PRO A 239 1.35 -23.74 9.48
CA PRO A 239 0.19 -24.58 9.16
C PRO A 239 -1.14 -24.13 9.81
N ASP A 240 -1.10 -23.31 10.85
CA ASP A 240 -2.33 -22.84 11.52
C ASP A 240 -2.89 -21.52 10.94
N LEU A 241 -2.28 -20.97 9.88
CA LEU A 241 -2.88 -19.84 9.19
C LEU A 241 -3.51 -20.31 7.91
N GLU A 242 -4.69 -19.82 7.61
CA GLU A 242 -5.35 -20.27 6.39
C GLU A 242 -5.21 -19.27 5.22
N MET A 243 -4.68 -18.10 5.51
CA MET A 243 -4.52 -17.06 4.50
C MET A 243 -3.43 -16.10 4.88
N ILE A 244 -2.74 -15.59 3.85
CA ILE A 244 -1.78 -14.52 4.03
C ILE A 244 -2.19 -13.36 3.12
N SER A 245 -2.35 -12.18 3.73
CA SER A 245 -2.53 -10.92 3.00
C SER A 245 -1.25 -10.12 3.07
N PHE A 246 -0.63 -9.89 1.91
CA PHE A 246 0.67 -9.24 1.86
C PHE A 246 0.69 -8.04 0.91
N THR A 247 1.21 -6.93 1.40
CA THR A 247 1.47 -5.76 0.58
C THR A 247 2.97 -5.46 0.67
N GLY A 248 3.61 -5.34 -0.48
CA GLY A 248 5.08 -5.15 -0.53
C GLY A 248 5.66 -5.34 -1.92
N SER A 249 6.96 -5.66 -2.00
CA SER A 249 7.63 -5.73 -3.31
C SER A 249 7.22 -6.99 -3.99
N THR A 250 7.28 -6.95 -5.32
CA THR A 250 7.02 -8.12 -6.15
C THR A 250 7.95 -9.27 -5.79
N ARG A 251 9.24 -8.96 -5.51
CA ARG A 251 10.21 -10.02 -5.15
C ARG A 251 9.74 -10.76 -3.91
N ALA A 252 9.35 -10.01 -2.89
CA ALA A 252 8.86 -10.60 -1.64
C ALA A 252 7.55 -11.41 -1.84
N GLY A 253 6.67 -10.90 -2.72
CA GLY A 253 5.39 -11.55 -2.97
C GLY A 253 5.58 -12.95 -3.54
N LYS A 254 6.57 -13.11 -4.42
CA LYS A 254 6.90 -14.43 -5.00
C LYS A 254 7.33 -15.37 -3.92
N ASP A 255 8.11 -14.90 -2.95
CA ASP A 255 8.56 -15.80 -1.88
CA ASP A 255 8.57 -15.73 -1.85
C ASP A 255 7.44 -16.12 -0.90
N ILE A 256 6.55 -15.16 -0.64
CA ILE A 256 5.38 -15.42 0.17
C ILE A 256 4.56 -16.52 -0.47
N SER A 257 4.34 -16.38 -1.78
CA SER A 257 3.55 -17.37 -2.51
C SER A 257 4.20 -18.74 -2.47
N LYS A 258 5.53 -18.79 -2.63
CA LYS A 258 6.27 -20.07 -2.60
C LYS A 258 6.12 -20.73 -1.22
N ASN A 259 6.29 -19.96 -0.16
CA ASN A 259 6.22 -20.50 1.20
C ASN A 259 4.82 -20.98 1.56
N ALA A 260 3.80 -20.30 1.04
CA ALA A 260 2.40 -20.60 1.36
C ALA A 260 1.86 -21.84 0.65
N SER A 261 2.49 -22.22 -0.46
CA SER A 261 1.95 -23.25 -1.33
C SER A 261 1.90 -24.63 -0.67
N ASN A 262 2.84 -24.93 0.22
CA ASN A 262 2.80 -26.22 0.89
C ASN A 262 1.60 -26.42 1.86
N THR A 263 0.94 -25.34 2.30
CA THR A 263 -0.28 -25.52 3.07
C THR A 263 -1.53 -25.03 2.30
N LEU A 264 -1.37 -24.73 1.00
CA LEU A 264 -2.48 -24.31 0.14
C LEU A 264 -3.31 -23.17 0.75
N LYS A 265 -2.63 -22.19 1.34
CA LYS A 265 -3.27 -20.98 1.87
C LYS A 265 -3.83 -20.16 0.73
N ARG A 266 -4.88 -19.42 1.01
CA ARG A 266 -5.21 -18.30 0.13
C ARG A 266 -4.11 -17.23 0.28
N VAL A 267 -3.60 -16.75 -0.84
CA VAL A 267 -2.59 -15.74 -0.82
C VAL A 267 -3.09 -14.52 -1.58
N CYS A 268 -3.22 -13.39 -0.89
CA CYS A 268 -3.65 -12.14 -1.53
C CYS A 268 -2.49 -11.12 -1.54
N LEU A 269 -2.06 -10.73 -2.73
CA LEU A 269 -0.85 -9.90 -2.89
C LEU A 269 -1.16 -8.51 -3.49
N GLU A 270 -0.63 -7.47 -2.83
CA GLU A 270 -0.61 -6.10 -3.35
C GLU A 270 0.87 -5.71 -3.53
N LEU A 271 1.30 -5.68 -4.78
CA LEU A 271 2.74 -5.55 -5.09
C LEU A 271 3.07 -4.21 -5.80
N GLY A 272 4.20 -4.14 -6.49
CA GLY A 272 4.64 -2.88 -7.06
C GLY A 272 3.99 -2.56 -8.40
N GLY A 273 4.41 -1.42 -8.96
CA GLY A 273 3.89 -0.98 -10.23
C GLY A 273 4.87 -0.13 -11.00
N LYS A 274 4.56 0.05 -12.27
CA LYS A 274 5.31 0.97 -13.12
C LYS A 274 4.32 1.66 -14.07
N GLY A 275 3.42 2.42 -13.45
CA GLY A 275 2.30 3.03 -14.11
C GLY A 275 2.67 3.90 -15.29
N ALA A 276 1.98 3.68 -16.39
CA ALA A 276 2.03 4.59 -17.51
C ALA A 276 0.93 5.67 -17.38
N ASN A 277 1.28 6.91 -17.75
CA ASN A 277 0.36 8.05 -17.84
C ASN A 277 0.40 8.55 -19.28
N ILE A 278 -0.64 8.18 -20.04
CA ILE A 278 -0.76 8.52 -21.44
C ILE A 278 -1.45 9.86 -21.58
N ILE A 279 -0.70 10.85 -22.04
CA ILE A 279 -1.19 12.24 -22.15
C ILE A 279 -1.23 12.64 -23.62
N PHE A 280 -2.44 12.81 -24.11
CA PHE A 280 -2.67 13.25 -25.48
C PHE A 280 -2.60 14.76 -25.57
N ALA A 281 -2.36 15.25 -26.80
CA ALA A 281 -2.34 16.71 -27.09
C ALA A 281 -3.65 17.41 -26.69
N ASP A 282 -4.75 16.67 -26.69
CA ASP A 282 -6.04 17.25 -26.37
C ASP A 282 -6.43 17.08 -24.91
N ALA A 283 -5.45 16.77 -24.05
CA ALA A 283 -5.71 16.69 -22.61
C ALA A 283 -6.08 18.07 -22.06
N ASP A 284 -6.81 18.09 -20.95
CA ASP A 284 -7.19 19.33 -20.29
C ASP A 284 -5.94 20.12 -19.86
N ILE A 285 -6.13 21.41 -19.64
CA ILE A 285 -5.00 22.35 -19.40
C ILE A 285 -4.03 21.82 -18.34
N ASP A 286 -4.57 21.31 -17.25
CA ASP A 286 -3.75 20.97 -16.09
C ASP A 286 -3.19 19.53 -16.06
N ALA A 287 -3.34 18.79 -17.17
CA ALA A 287 -3.03 17.35 -17.20
C ALA A 287 -1.56 17.12 -16.91
N LEU A 288 -0.71 17.88 -17.58
CA LEU A 288 0.73 17.74 -17.45
C LEU A 288 1.20 18.00 -16.02
N GLN A 289 0.77 19.13 -15.44
CA GLN A 289 1.10 19.48 -14.05
C GLN A 289 0.61 18.43 -13.04
N ARG A 290 -0.64 18.02 -13.22
CA ARG A 290 -1.25 17.01 -12.36
C ARG A 290 -0.38 15.71 -12.35
N GLY A 291 0.04 15.31 -13.54
CA GLY A 291 0.86 14.13 -13.74
C GLY A 291 2.20 14.17 -13.05
N VAL A 292 2.87 15.31 -13.18
CA VAL A 292 4.21 15.47 -12.61
C VAL A 292 4.10 15.51 -11.09
N ARG A 293 3.18 16.32 -10.61
CA ARG A 293 2.91 16.37 -9.19
C ARG A 293 2.58 15.01 -8.58
N HIS A 294 1.79 14.22 -9.30
CA HIS A 294 1.37 12.90 -8.79
C HIS A 294 2.64 11.99 -8.66
N CYS A 295 3.54 12.07 -9.63
CA CYS A 295 4.79 11.30 -9.59
C CYS A 295 5.64 11.57 -8.34
N PHE A 296 5.71 12.83 -7.90
CA PHE A 296 6.58 13.17 -6.78
C PHE A 296 5.89 13.05 -5.41
N TYR A 297 4.57 12.93 -5.41
CA TYR A 297 3.81 12.84 -4.18
C TYR A 297 4.31 11.65 -3.34
N ASN A 298 4.37 11.86 -2.05
CA ASN A 298 4.96 10.87 -1.12
C ASN A 298 6.38 10.48 -1.56
N SER A 299 7.07 11.43 -2.19
CA SER A 299 8.42 11.28 -2.73
C SER A 299 8.53 10.08 -3.66
N GLY A 300 7.42 9.80 -4.38
CA GLY A 300 7.37 8.74 -5.35
C GLY A 300 7.17 7.37 -4.77
N GLN A 301 6.88 7.29 -3.48
CA GLN A 301 6.86 5.99 -2.77
C GLN A 301 5.43 5.47 -2.72
N SER A 302 4.86 5.31 -3.91
CA SER A 302 3.52 4.85 -4.07
C SER A 302 3.55 3.80 -5.15
N CYS A 303 3.03 2.61 -4.84
CA CYS A 303 3.11 1.51 -5.77
CA CYS A 303 3.07 1.49 -5.78
C CYS A 303 2.41 1.82 -7.11
N ASN A 304 1.37 2.65 -7.09
CA ASN A 304 0.62 3.01 -8.30
C ASN A 304 1.00 4.35 -8.95
N ALA A 305 2.10 4.96 -8.51
CA ALA A 305 2.48 6.29 -9.00
C ALA A 305 2.65 6.25 -10.51
N PRO A 306 2.27 7.32 -11.21
CA PRO A 306 2.40 7.41 -12.65
C PRO A 306 3.84 7.82 -13.03
N THR A 307 4.71 6.84 -13.15
CA THR A 307 6.13 7.06 -13.30
C THR A 307 6.64 7.05 -14.73
N ARG A 308 5.85 6.58 -15.69
CA ARG A 308 6.20 6.63 -17.11
C ARG A 308 5.19 7.53 -17.81
N MET A 309 5.62 8.72 -18.18
CA MET A 309 4.72 9.66 -18.85
C MET A 309 4.93 9.54 -20.34
N LEU A 310 3.88 9.06 -21.03
CA LEU A 310 3.93 8.82 -22.47
C LEU A 310 3.14 9.94 -23.12
N VAL A 311 3.83 10.82 -23.85
CA VAL A 311 3.25 12.05 -24.36
C VAL A 311 3.15 12.08 -25.90
N GLU A 312 1.98 12.46 -26.39
CA GLU A 312 1.80 12.59 -27.83
C GLU A 312 2.86 13.56 -28.40
N GLN A 313 3.42 13.22 -29.55
CA GLN A 313 4.59 13.95 -30.12
C GLN A 313 4.37 15.46 -30.13
N ALA A 314 3.22 15.88 -30.64
CA ALA A 314 2.84 17.32 -30.70
C ALA A 314 3.07 18.10 -29.41
N ILE A 315 2.93 17.50 -28.22
CA ILE A 315 3.11 18.27 -26.96
C ILE A 315 4.29 17.79 -26.10
N TYR A 316 5.17 17.01 -26.73
CA TYR A 316 6.34 16.45 -26.05
C TYR A 316 7.29 17.54 -25.52
N ASP A 317 7.63 18.53 -26.35
CA ASP A 317 8.48 19.64 -25.87
C ASP A 317 7.82 20.39 -24.73
N LYS A 318 6.53 20.66 -24.88
CA LYS A 318 5.76 21.28 -23.79
C LYS A 318 5.79 20.43 -22.48
N ALA A 319 5.66 19.12 -22.64
CA ALA A 319 5.72 18.21 -21.49
C ALA A 319 7.06 18.32 -20.75
N ILE A 320 8.16 18.28 -21.52
CA ILE A 320 9.48 18.39 -20.92
C ILE A 320 9.60 19.67 -20.16
N LYS A 321 9.15 20.76 -20.79
CA LYS A 321 9.29 22.08 -20.19
C LYS A 321 8.44 22.17 -18.92
N THR A 322 7.23 21.59 -18.96
CA THR A 322 6.33 21.63 -17.79
C THR A 322 6.87 20.80 -16.63
N ALA A 323 7.30 19.58 -16.93
CA ALA A 323 7.99 18.72 -15.93
C ALA A 323 9.20 19.42 -15.26
N LYS A 324 10.03 20.07 -16.08
CA LYS A 324 11.16 20.83 -15.56
C LYS A 324 10.73 21.89 -14.56
N ASP A 325 9.77 22.74 -14.97
CA ASP A 325 9.25 23.81 -14.09
C ASP A 325 8.72 23.26 -12.77
N ILE A 326 7.85 22.25 -12.87
CA ILE A 326 7.24 21.70 -11.65
C ILE A 326 8.32 21.09 -10.75
N ALA A 327 9.23 20.29 -11.33
CA ALA A 327 10.36 19.75 -10.56
C ALA A 327 11.15 20.83 -9.83
N GLU A 328 11.54 21.87 -10.57
CA GLU A 328 12.35 22.94 -9.96
C GLU A 328 11.59 23.66 -8.86
N LYS A 329 10.27 23.73 -8.99
CA LYS A 329 9.42 24.32 -7.95
C LYS A 329 9.00 23.34 -6.83
N THR A 330 9.38 22.06 -6.93
CA THR A 330 9.00 21.09 -5.91
C THR A 330 10.07 21.18 -4.83
N GLN A 331 9.67 21.66 -3.65
CA GLN A 331 10.59 21.80 -2.51
C GLN A 331 10.79 20.44 -1.81
N VAL A 332 11.96 20.29 -1.16
CA VAL A 332 12.24 19.15 -0.33
C VAL A 332 12.48 19.62 1.09
N GLY A 333 11.95 18.91 2.08
CA GLY A 333 12.13 19.31 3.46
C GLY A 333 11.77 18.23 4.46
N PRO A 334 12.07 18.47 5.73
CA PRO A 334 11.84 17.45 6.74
C PRO A 334 10.38 17.16 6.99
N GLY A 335 10.14 15.96 7.50
CA GLY A 335 8.79 15.50 7.81
C GLY A 335 8.10 16.42 8.82
N HIS A 336 8.87 16.95 9.77
CA HIS A 336 8.31 17.70 10.89
C HIS A 336 7.82 19.11 10.47
N GLN A 337 8.28 19.65 9.34
CA GLN A 337 7.83 20.96 8.85
C GLN A 337 6.48 20.93 8.12
N THR A 338 5.64 21.92 8.40
CA THR A 338 4.37 22.10 7.70
C THR A 338 4.64 22.54 6.27
N GLY A 339 3.64 22.47 5.42
CA GLY A 339 3.79 22.85 3.98
C GLY A 339 3.73 21.67 3.02
N ASN A 340 3.81 21.98 1.74
CA ASN A 340 3.64 20.98 0.69
C ASN A 340 4.92 20.59 -0.05
N HIS A 341 6.07 20.73 0.60
CA HIS A 341 7.30 20.12 0.09
C HIS A 341 7.12 18.58 0.15
N ILE A 342 7.98 17.84 -0.56
CA ILE A 342 8.13 16.39 -0.34
C ILE A 342 9.19 16.14 0.76
N GLY A 343 9.06 15.01 1.43
CA GLY A 343 9.96 14.64 2.53
C GLY A 343 11.13 13.82 2.00
N PRO A 344 11.94 13.26 2.93
CA PRO A 344 12.95 12.32 2.48
C PRO A 344 12.31 11.01 2.02
N VAL A 345 13.08 10.19 1.31
CA VAL A 345 12.72 8.78 1.18
C VAL A 345 13.02 8.07 2.50
N VAL A 346 12.51 6.85 2.65
CA VAL A 346 12.33 6.27 3.99
C VAL A 346 13.63 5.79 4.64
N SER A 347 14.58 5.36 3.81
CA SER A 347 15.81 4.71 4.30
C SER A 347 17.04 4.94 3.45
N LYS A 348 18.17 4.61 4.09
CA LYS A 348 19.50 4.65 3.44
C LYS A 348 19.53 3.71 2.27
N GLU A 349 19.06 2.49 2.50
CA GLU A 349 19.01 1.45 1.47
C GLU A 349 18.13 1.85 0.29
N GLN A 350 16.97 2.44 0.59
CA GLN A 350 16.13 3.01 -0.46
C GLN A 350 16.81 4.17 -1.19
N TYR A 351 17.38 5.10 -0.43
CA TYR A 351 18.16 6.18 -1.01
C TYR A 351 19.26 5.64 -1.93
N ASP A 352 20.04 4.64 -1.49
CA ASP A 352 21.12 4.13 -2.31
C ASP A 352 20.58 3.49 -3.62
N LYS A 353 19.47 2.73 -3.52
CA LYS A 353 18.85 2.11 -4.71
C LYS A 353 18.41 3.18 -5.71
N ILE A 354 17.85 4.28 -5.20
CA ILE A 354 17.33 5.34 -6.07
C ILE A 354 18.49 6.07 -6.75
N GLN A 355 19.53 6.36 -5.97
CA GLN A 355 20.73 7.01 -6.55
C GLN A 355 21.29 6.17 -7.68
N ASP A 356 21.36 4.86 -7.45
CA ASP A 356 21.89 3.94 -8.47
C ASP A 356 21.04 3.98 -9.75
N LEU A 357 19.73 4.06 -9.55
CA LEU A 357 18.82 4.04 -10.72
C LEU A 357 18.91 5.37 -11.45
N ILE A 358 19.01 6.48 -10.70
CA ILE A 358 19.22 7.82 -11.32
C ILE A 358 20.54 7.81 -12.16
N GLN A 359 21.63 7.40 -11.53
CA GLN A 359 22.91 7.25 -12.24
C GLN A 359 22.77 6.38 -13.50
N SER A 360 22.02 5.27 -13.41
CA SER A 360 21.76 4.41 -14.58
C SER A 360 21.10 5.15 -15.73
N GLY A 361 20.19 6.08 -15.39
CA GLY A 361 19.50 6.86 -16.40
C GLY A 361 20.49 7.71 -17.15
N ILE A 362 21.39 8.35 -16.40
CA ILE A 362 22.47 9.12 -17.02
C ILE A 362 23.36 8.22 -17.91
N ASP A 363 23.82 7.11 -17.35
CA ASP A 363 24.76 6.22 -18.06
C ASP A 363 24.18 5.59 -19.28
N GLU A 364 22.87 5.30 -19.26
CA GLU A 364 22.24 4.64 -20.40
C GLU A 364 21.86 5.61 -21.50
N GLY A 365 22.11 6.89 -21.25
CA GLY A 365 21.91 7.90 -22.28
C GLY A 365 20.55 8.57 -22.32
N ALA A 366 19.75 8.51 -21.25
CA ALA A 366 18.48 9.29 -21.24
C ALA A 366 18.85 10.77 -21.08
N THR A 367 18.01 11.68 -21.57
CA THR A 367 18.22 13.12 -21.27
C THR A 367 17.85 13.50 -19.83
N LEU A 368 18.84 13.93 -19.05
CA LEU A 368 18.59 14.49 -17.73
C LEU A 368 18.06 15.91 -17.86
N VAL A 369 16.77 16.10 -17.53
CA VAL A 369 16.10 17.39 -17.68
C VAL A 369 16.32 18.27 -16.50
N THR A 370 16.18 17.71 -15.29
CA THR A 370 16.51 18.41 -14.06
C THR A 370 16.70 17.41 -12.94
N GLY A 371 17.20 17.88 -11.80
CA GLY A 371 17.56 16.99 -10.70
C GLY A 371 18.74 16.11 -11.06
N GLY A 372 18.84 14.96 -10.42
CA GLY A 372 20.02 14.10 -10.55
C GLY A 372 20.40 13.47 -9.22
N THR A 373 21.67 13.05 -9.13
CA THR A 373 22.20 12.36 -7.94
C THR A 373 22.55 13.33 -6.81
N GLY A 374 22.60 12.81 -5.58
CA GLY A 374 23.04 13.59 -4.43
C GLY A 374 21.93 14.30 -3.68
N LEU A 375 22.28 14.81 -2.51
CA LEU A 375 21.35 15.55 -1.67
C LEU A 375 21.01 16.88 -2.33
N PRO A 376 19.76 17.36 -2.18
CA PRO A 376 19.46 18.69 -2.69
C PRO A 376 20.32 19.73 -1.94
N MET A 377 20.65 20.82 -2.62
CA MET A 377 21.57 21.83 -2.07
C MET A 377 21.05 22.31 -0.72
N GLY A 378 21.95 22.39 0.25
CA GLY A 378 21.60 22.89 1.55
C GLY A 378 21.24 21.84 2.60
N MET A 379 20.90 20.62 2.17
CA MET A 379 20.53 19.56 3.10
C MET A 379 21.81 18.83 3.49
N GLU A 380 22.06 18.69 4.78
CA GLU A 380 23.32 18.13 5.28
C GLU A 380 23.17 16.65 5.63
N ARG A 381 21.95 16.28 6.06
CA ARG A 381 21.63 14.93 6.47
C ARG A 381 20.16 14.61 6.12
N GLY A 382 19.83 13.34 6.21
CA GLY A 382 18.50 12.83 5.81
C GLY A 382 18.57 12.25 4.41
N TYR A 383 17.64 11.36 4.11
CA TYR A 383 17.62 10.65 2.84
C TYR A 383 16.85 11.43 1.77
N TYR A 384 17.30 12.65 1.49
CA TYR A 384 16.62 13.53 0.53
C TYR A 384 17.08 13.28 -0.87
N VAL A 385 16.11 13.01 -1.74
CA VAL A 385 16.35 12.75 -3.13
C VAL A 385 15.84 13.98 -3.89
N ARG A 386 16.57 14.38 -4.92
CA ARG A 386 16.19 15.53 -5.72
C ARG A 386 15.07 15.14 -6.69
N PRO A 387 14.00 15.95 -6.77
CA PRO A 387 13.04 15.72 -7.83
C PRO A 387 13.71 15.70 -9.19
N THR A 388 13.59 14.59 -9.90
CA THR A 388 14.35 14.36 -11.11
C THR A 388 13.45 14.00 -12.28
N VAL A 389 13.75 14.56 -13.45
CA VAL A 389 13.04 14.25 -14.68
C VAL A 389 14.01 13.76 -15.75
N PHE A 390 13.69 12.62 -16.36
CA PHE A 390 14.37 12.15 -17.57
C PHE A 390 13.42 12.22 -18.76
N ALA A 391 13.97 12.55 -19.94
CA ALA A 391 13.24 12.55 -21.20
C ALA A 391 14.00 11.69 -22.20
N ASP A 392 13.38 11.43 -23.35
CA ASP A 392 13.92 10.50 -24.35
C ASP A 392 14.30 9.16 -23.71
N VAL A 393 13.43 8.64 -22.84
CA VAL A 393 13.69 7.35 -22.20
C VAL A 393 13.26 6.29 -23.19
N LYS A 394 14.00 5.19 -23.22
CA LYS A 394 13.74 4.10 -24.15
C LYS A 394 13.36 2.86 -23.34
N PRO A 395 12.56 1.94 -23.94
CA PRO A 395 12.07 0.73 -23.27
C PRO A 395 13.13 -0.17 -22.62
N HIS A 396 14.37 -0.16 -23.10
CA HIS A 396 15.38 -1.07 -22.53
C HIS A 396 16.01 -0.48 -21.28
N MET A 397 15.79 0.80 -21.01
CA MET A 397 16.50 1.44 -19.90
C MET A 397 15.96 0.99 -18.56
N ARG A 398 16.85 0.90 -17.58
CA ARG A 398 16.44 0.48 -16.27
C ARG A 398 15.33 1.39 -15.69
N ILE A 399 15.41 2.70 -15.94
CA ILE A 399 14.45 3.64 -15.35
C ILE A 399 13.05 3.45 -15.95
N PHE A 400 12.98 2.87 -17.16
CA PHE A 400 11.71 2.52 -17.77
C PHE A 400 11.13 1.25 -17.14
N ARG A 401 11.99 0.30 -16.75
CA ARG A 401 11.51 -1.05 -16.37
C ARG A 401 11.34 -1.26 -14.90
N GLU A 402 12.19 -0.63 -14.10
CA GLU A 402 12.25 -0.95 -12.69
C GLU A 402 11.51 0.06 -11.90
N GLU A 403 10.85 -0.41 -10.84
CA GLU A 403 10.14 0.49 -9.96
C GLU A 403 11.21 1.22 -9.14
N ILE A 404 11.21 2.55 -9.15
CA ILE A 404 12.26 3.35 -8.52
C ILE A 404 11.89 3.73 -7.09
N PHE A 405 10.63 4.06 -6.84
CA PHE A 405 10.19 4.44 -5.50
C PHE A 405 10.88 5.69 -4.95
N GLY A 406 11.21 6.62 -5.84
CA GLY A 406 11.73 7.94 -5.47
C GLY A 406 11.09 8.94 -6.40
N PRO A 407 11.38 10.25 -6.22
CA PRO A 407 10.74 11.28 -7.04
C PRO A 407 11.41 11.41 -8.38
N VAL A 408 11.19 10.40 -9.23
CA VAL A 408 11.88 10.26 -10.47
C VAL A 408 10.89 9.94 -11.61
N LEU A 409 10.75 10.86 -12.54
CA LEU A 409 9.82 10.71 -13.65
C LEU A 409 10.56 10.41 -14.92
N SER A 410 10.02 9.50 -15.74
CA SER A 410 10.52 9.22 -17.07
C SER A 410 9.54 9.65 -18.17
N LEU A 411 9.97 10.53 -19.09
CA LEU A 411 9.15 10.97 -20.25
C LEU A 411 9.67 10.38 -21.53
N LEU A 412 8.73 10.05 -22.41
CA LEU A 412 9.03 9.68 -23.77
C LEU A 412 7.80 9.97 -24.64
N PRO A 413 8.01 10.17 -25.95
CA PRO A 413 6.89 10.48 -26.85
C PRO A 413 6.28 9.28 -27.52
N PHE A 414 5.07 9.45 -28.03
CA PHE A 414 4.48 8.47 -28.95
C PHE A 414 3.84 9.21 -30.11
N ASN A 415 3.64 8.48 -31.20
CA ASN A 415 3.04 9.03 -32.41
C ASN A 415 1.66 8.50 -32.74
N THR A 416 1.36 7.25 -32.39
CA THR A 416 0.03 6.71 -32.65
C THR A 416 -0.59 6.10 -31.38
N GLU A 417 -1.90 5.88 -31.43
CA GLU A 417 -2.59 5.26 -30.31
C GLU A 417 -1.97 3.88 -30.03
N ASP A 418 -1.77 3.07 -31.08
CA ASP A 418 -1.13 1.75 -30.94
C ASP A 418 0.23 1.81 -30.24
N GLU A 419 1.02 2.82 -30.58
CA GLU A 419 2.35 2.97 -30.01
C GLU A 419 2.25 3.28 -28.51
N ALA A 420 1.28 4.13 -28.15
CA ALA A 420 1.06 4.45 -26.73
C ALA A 420 0.65 3.21 -25.92
N VAL A 421 -0.26 2.40 -26.49
CA VAL A 421 -0.73 1.21 -25.84
C VAL A 421 0.43 0.19 -25.71
N THR A 422 1.23 0.05 -26.75
CA THR A 422 2.35 -0.89 -26.73
C THR A 422 3.33 -0.51 -25.64
N LEU A 423 3.74 0.75 -25.62
CA LEU A 423 4.61 1.25 -24.56
C LEU A 423 4.00 1.07 -23.16
N ALA A 424 2.73 1.46 -22.99
CA ALA A 424 2.08 1.32 -21.68
C ALA A 424 2.07 -0.15 -21.21
N ASN A 425 1.88 -1.07 -22.15
CA ASN A 425 1.83 -2.50 -21.82
C ASN A 425 3.19 -3.21 -21.79
N ASP A 426 4.27 -2.49 -22.05
CA ASP A 426 5.62 -3.08 -22.05
C ASP A 426 6.20 -3.12 -20.63
N THR A 427 5.65 -4.02 -19.84
CA THR A 427 5.99 -4.11 -18.43
C THR A 427 5.36 -5.39 -17.93
N GLU A 428 5.92 -5.94 -16.85
CA GLU A 428 5.34 -7.11 -16.20
C GLU A 428 4.34 -6.69 -15.11
N TYR A 429 4.33 -5.40 -14.79
CA TYR A 429 3.45 -4.84 -13.78
C TYR A 429 2.11 -4.49 -14.41
N GLY A 430 1.13 -4.09 -13.59
CA GLY A 430 -0.20 -3.69 -14.09
C GLY A 430 -1.11 -3.27 -12.96
N LEU A 431 -0.69 -2.22 -12.24
CA LEU A 431 -1.42 -1.79 -11.09
C LEU A 431 -2.41 -0.69 -11.54
N THR A 432 -1.98 0.58 -11.61
CA THR A 432 -2.80 1.68 -12.18
C THR A 432 -2.11 2.25 -13.39
N ASN A 433 -2.84 2.35 -14.49
CA ASN A 433 -2.43 3.16 -15.62
C ASN A 433 -3.36 4.39 -15.68
N TYR A 434 -2.90 5.44 -16.35
CA TYR A 434 -3.53 6.75 -16.37
C TYR A 434 -3.64 7.25 -17.81
N ILE A 435 -4.75 7.92 -18.13
CA ILE A 435 -4.99 8.41 -19.52
C ILE A 435 -5.55 9.80 -19.41
N GLN A 436 -4.95 10.75 -20.14
CA GLN A 436 -5.44 12.11 -20.21
C GLN A 436 -5.80 12.48 -21.64
N SER A 437 -7.10 12.67 -21.87
CA SER A 437 -7.61 13.20 -23.15
C SER A 437 -9.03 13.70 -23.01
N GLN A 438 -9.33 14.82 -23.68
CA GLN A 438 -10.69 15.34 -23.65
C GLN A 438 -11.61 14.63 -24.63
N ASP A 439 -11.04 13.70 -25.46
CA ASP A 439 -11.83 12.87 -26.40
C ASP A 439 -12.30 11.57 -25.68
N ARG A 440 -13.59 11.55 -25.26
CA ARG A 440 -14.14 10.47 -24.43
C ARG A 440 -14.03 9.11 -25.12
N SER A 441 -14.31 9.10 -26.44
CA SER A 441 -14.12 7.92 -27.26
C SER A 441 -12.71 7.41 -27.24
N LYS A 442 -11.75 8.32 -27.38
CA LYS A 442 -10.35 7.94 -27.34
C LYS A 442 -9.96 7.40 -25.92
N CYS A 443 -10.44 8.06 -24.89
CA CYS A 443 -10.25 7.56 -23.53
C CYS A 443 -10.74 6.12 -23.40
N ARG A 444 -11.91 5.82 -23.97
CA ARG A 444 -12.50 4.51 -23.86
C ARG A 444 -11.70 3.46 -24.62
N ARG A 445 -11.32 3.75 -25.85
CA ARG A 445 -10.46 2.85 -26.63
C ARG A 445 -9.17 2.48 -25.90
N ILE A 446 -8.48 3.50 -25.39
CA ILE A 446 -7.20 3.29 -24.72
C ILE A 446 -7.35 2.54 -23.38
N ALA A 447 -8.36 2.93 -22.58
CA ALA A 447 -8.67 2.27 -21.31
C ALA A 447 -8.92 0.76 -21.50
N ALA A 448 -9.58 0.39 -22.59
CA ALA A 448 -9.89 -0.99 -22.87
C ALA A 448 -8.66 -1.79 -23.27
N GLN A 449 -7.62 -1.14 -23.82
CA GLN A 449 -6.45 -1.84 -24.29
C GLN A 449 -5.30 -1.94 -23.29
N VAL A 450 -5.24 -1.08 -22.27
CA VAL A 450 -4.11 -1.11 -21.32
C VAL A 450 -4.35 -2.20 -20.30
N ARG A 451 -3.26 -2.83 -19.89
CA ARG A 451 -3.34 -4.03 -19.09
C ARG A 451 -3.01 -3.72 -17.66
N SER A 452 -4.04 -3.35 -16.90
CA SER A 452 -3.89 -3.03 -15.50
C SER A 452 -5.17 -3.36 -14.73
N GLY A 453 -5.04 -3.51 -13.43
CA GLY A 453 -6.20 -3.69 -12.57
C GLY A 453 -7.04 -2.44 -12.42
N MET A 454 -6.40 -1.26 -12.53
CA MET A 454 -7.06 0.04 -12.39
C MET A 454 -6.66 1.00 -13.49
N VAL A 455 -7.59 1.86 -13.88
CA VAL A 455 -7.30 2.90 -14.88
C VAL A 455 -7.96 4.16 -14.35
N GLU A 456 -7.16 5.21 -14.11
CA GLU A 456 -7.69 6.55 -13.77
C GLU A 456 -7.66 7.47 -14.98
N VAL A 457 -8.86 7.91 -15.39
CA VAL A 457 -9.03 8.78 -16.57
C VAL A 457 -9.24 10.23 -16.15
N ASN A 458 -8.45 11.12 -16.75
CA ASN A 458 -8.57 12.56 -16.62
C ASN A 458 -8.57 13.06 -15.18
N GLY A 459 -7.73 12.45 -14.35
CA GLY A 459 -7.62 12.85 -12.97
C GLY A 459 -8.74 12.40 -12.06
N HIS A 460 -9.69 11.62 -12.60
CA HIS A 460 -10.77 11.10 -11.76
C HIS A 460 -10.35 9.90 -10.92
N GLU A 461 -10.50 10.04 -9.62
CA GLU A 461 -10.22 8.95 -8.70
C GLU A 461 -11.29 7.87 -8.80
N LEU A 462 -10.93 6.64 -8.40
CA LEU A 462 -11.91 5.57 -8.25
C LEU A 462 -12.77 5.88 -7.04
N PRO A 463 -14.07 5.51 -7.07
CA PRO A 463 -14.98 5.88 -6.01
C PRO A 463 -14.75 5.05 -4.74
N GLY A 464 -15.20 5.60 -3.63
CA GLY A 464 -15.12 4.93 -2.34
C GLY A 464 -15.86 3.64 -2.42
N GLY A 465 -15.27 2.58 -1.88
CA GLY A 465 -15.89 1.26 -2.04
C GLY A 465 -15.46 0.46 -3.26
N SER A 466 -14.82 1.12 -4.23
CA SER A 466 -14.12 0.41 -5.28
C SER A 466 -12.98 -0.40 -4.67
N TYR A 467 -12.55 -1.43 -5.36
CA TYR A 467 -11.34 -2.14 -4.96
C TYR A 467 -10.07 -1.38 -5.33
N PHE A 468 -9.01 -1.77 -4.65
CA PHE A 468 -7.67 -1.41 -5.04
C PHE A 468 -6.85 -2.68 -5.28
N GLY A 469 -6.29 -2.81 -6.48
CA GLY A 469 -5.44 -3.92 -6.79
C GLY A 469 -5.11 -4.03 -8.24
N GLY A 470 -4.18 -4.91 -8.54
CA GLY A 470 -3.59 -4.99 -9.90
C GLY A 470 -3.82 -6.30 -10.61
N VAL A 471 -3.02 -6.52 -11.65
CA VAL A 471 -2.89 -7.80 -12.38
C VAL A 471 -1.38 -8.10 -12.52
N LYS A 472 -1.07 -9.30 -12.97
CA LYS A 472 0.32 -9.77 -13.25
C LYS A 472 1.26 -9.55 -12.06
N PHE A 473 2.41 -8.94 -12.29
CA PHE A 473 3.43 -8.77 -11.22
C PHE A 473 3.06 -7.71 -10.19
N SER A 474 1.98 -7.00 -10.42
CA SER A 474 1.47 -6.12 -9.36
C SER A 474 0.62 -6.86 -8.31
N GLY A 475 0.39 -8.17 -8.52
CA GLY A 475 -0.49 -8.95 -7.62
C GLY A 475 -1.91 -8.89 -8.14
N ARG A 476 -2.81 -9.65 -7.53
CA ARG A 476 -4.20 -9.69 -7.96
C ARG A 476 -5.17 -9.52 -6.80
N ALA A 477 -4.66 -9.14 -5.64
CA ALA A 477 -5.50 -8.77 -4.50
C ALA A 477 -6.55 -7.72 -4.91
N ARG A 478 -7.67 -7.74 -4.21
CA ARG A 478 -8.77 -6.80 -4.46
C ARG A 478 -9.19 -6.29 -3.08
N GLU A 479 -8.49 -5.25 -2.61
CA GLU A 479 -8.66 -4.72 -1.27
C GLU A 479 -9.72 -3.62 -1.28
N GLY A 480 -10.41 -3.43 -0.16
CA GLY A 480 -11.34 -2.32 -0.05
C GLY A 480 -12.78 -2.71 -0.33
N GLY A 481 -13.71 -2.02 0.36
CA GLY A 481 -15.13 -2.27 0.18
C GLY A 481 -15.52 -3.74 0.26
N LEU A 482 -16.46 -4.12 -0.61
CA LEU A 482 -17.00 -5.48 -0.55
C LEU A 482 -15.97 -6.50 -1.00
N TRP A 483 -15.15 -6.12 -1.98
CA TRP A 483 -14.11 -7.01 -2.50
C TRP A 483 -13.22 -7.42 -1.33
N GLY A 484 -12.88 -6.46 -0.48
CA GLY A 484 -11.89 -6.66 0.56
C GLY A 484 -12.42 -7.54 1.67
N ILE A 485 -13.70 -7.36 2.01
CA ILE A 485 -14.38 -8.20 3.00
C ILE A 485 -14.38 -9.67 2.53
N LYS A 486 -14.67 -9.86 1.24
CA LYS A 486 -14.77 -11.22 0.68
C LYS A 486 -13.44 -11.97 0.57
N GLU A 487 -12.32 -11.26 0.45
CA GLU A 487 -11.03 -11.94 0.49
C GLU A 487 -10.83 -12.70 1.82
N PHE A 488 -11.54 -12.32 2.88
CA PHE A 488 -11.42 -13.02 4.19
C PHE A 488 -12.53 -14.06 4.47
N LEU A 489 -13.27 -14.39 3.41
CA LEU A 489 -14.39 -15.36 3.52
C LEU A 489 -14.20 -16.52 2.55
N ASP A 490 -14.60 -17.72 2.97
CA ASP A 490 -14.81 -18.84 2.10
C ASP A 490 -16.29 -18.88 1.74
N THR A 491 -16.56 -19.35 0.54
CA THR A 491 -17.91 -19.62 0.13
C THR A 491 -18.27 -21.09 0.32
N LYS A 492 -19.54 -21.29 0.67
CA LYS A 492 -20.11 -22.60 0.87
C LYS A 492 -21.49 -22.67 0.19
N ALA A 493 -21.65 -23.64 -0.70
CA ALA A 493 -22.87 -23.83 -1.48
C ALA A 493 -23.67 -24.99 -0.86
N ILE A 494 -24.83 -24.68 -0.30
CA ILE A 494 -25.69 -25.64 0.40
C ILE A 494 -26.88 -25.99 -0.54
N SER A 495 -27.07 -27.27 -0.85
CA SER A 495 -28.01 -27.68 -1.88
C SER A 495 -29.50 -27.59 -1.47
N TYR A 496 -29.77 -27.59 -0.18
CA TYR A 496 -31.14 -27.43 0.35
C TYR A 496 -31.05 -26.76 1.71
N TRP A 497 -31.61 -25.54 1.80
CA TRP A 497 -31.59 -24.76 3.03
C TRP A 497 -33.04 -24.67 3.54
NA NA B . 12.05 4.45 9.76
UNK UNX C . 19.46 -9.17 13.84
UNK UNX D . 20.07 -6.67 14.57
#